data_6HOK
#
_entry.id   6HOK
#
_cell.length_a   140.640
_cell.length_b   140.640
_cell.length_c   140.640
_cell.angle_alpha   90.00
_cell.angle_beta   90.00
_cell.angle_gamma   90.00
#
_symmetry.space_group_name_H-M   'I 41 3 2'
#
loop_
_entity.id
_entity.type
_entity.pdbx_description
1 polymer 'Beclin-1,Gamma-aminobutyric acid receptor-associated protein'
2 non-polymer 1,2-ETHANEDIOL
3 water water
#
_entity_poly.entity_id   1
_entity_poly.type   'polypeptide(L)'
_entity_poly.pdbx_seq_one_letter_code
;SANEFTLIGEASDGSMKFVYKEEHPFEKRRSEGEKIRKKYPDRVPVIVEKAPKARIGDLDKKKYLVPSDLTVGQFYFLIR
KRIHLRAEDALFFFVNNVIPPTSATMGQLYQEHHEEDFFLYIAYSDE
;
_entity_poly.pdbx_strand_id   A
#
loop_
_chem_comp.id
_chem_comp.type
_chem_comp.name
_chem_comp.formula
EDO non-polymer 1,2-ETHANEDIOL 'C2 H6 O2'
#
# COMPACT_ATOMS: atom_id res chain seq x y z
N SER A 1 3.06 32.58 22.51
CA SER A 1 4.19 31.83 23.03
C SER A 1 5.47 32.23 22.28
N ALA A 2 6.16 33.26 22.81
CA ALA A 2 7.17 33.99 22.07
C ALA A 2 8.38 33.11 21.73
N ASN A 3 8.70 33.04 20.43
CA ASN A 3 9.69 32.14 19.85
C ASN A 3 9.33 30.67 20.03
N GLU A 4 8.14 30.36 20.56
CA GLU A 4 7.77 28.98 20.90
C GLU A 4 6.90 28.34 19.83
N PHE A 5 7.30 27.17 19.40
CA PHE A 5 6.55 26.35 18.47
C PHE A 5 6.53 24.95 19.03
N THR A 6 5.46 24.23 18.73
CA THR A 6 5.43 22.81 18.99
C THR A 6 5.77 22.13 17.67
N LEU A 7 6.87 21.40 17.65
CA LEU A 7 7.30 20.65 16.48
C LEU A 7 6.56 19.32 16.50
N ILE A 8 5.68 19.07 15.52
CA ILE A 8 4.97 17.81 15.43
C ILE A 8 4.94 17.32 14.00
N GLY A 9 4.78 16.01 13.84
CA GLY A 9 4.90 15.37 12.56
C GLY A 9 6.35 15.10 12.20
N GLU A 10 6.54 14.15 11.31
CA GLU A 10 7.86 13.77 10.87
C GLU A 10 7.92 13.76 9.35
N ALA A 11 8.99 14.32 8.80
CA ALA A 11 9.20 14.26 7.37
C ALA A 11 9.53 12.83 6.96
N SER A 12 8.84 12.33 5.94
CA SER A 12 9.03 10.95 5.52
C SER A 12 10.46 10.72 5.06
N ASP A 13 11.05 9.61 5.49
CA ASP A 13 12.41 9.27 5.11
C ASP A 13 12.50 8.58 3.75
N GLY A 14 11.36 8.24 3.15
CA GLY A 14 11.33 7.65 1.83
C GLY A 14 12.07 6.33 1.71
N SER A 15 12.46 5.76 2.84
CA SER A 15 13.32 4.58 2.88
C SER A 15 12.54 3.27 2.96
N MET A 16 11.30 3.22 2.45
CA MET A 16 10.52 1.99 2.55
C MET A 16 11.04 0.94 1.58
N LYS A 17 11.59 -0.13 2.10
CA LYS A 17 12.01 -1.28 1.31
C LYS A 17 11.01 -2.40 1.52
N PHE A 18 10.48 -2.95 0.42
CA PHE A 18 9.50 -4.03 0.54
C PHE A 18 10.20 -5.37 0.66
N VAL A 19 9.85 -6.11 1.72
CA VAL A 19 10.41 -7.46 1.92
C VAL A 19 10.06 -8.35 0.75
N TYR A 20 8.87 -8.16 0.18
CA TYR A 20 8.45 -8.95 -0.96
C TYR A 20 9.50 -8.92 -2.06
N LYS A 21 10.11 -7.76 -2.30
CA LYS A 21 11.10 -7.64 -3.37
C LYS A 21 12.43 -8.27 -2.98
N GLU A 22 12.71 -8.32 -1.69
CA GLU A 22 13.95 -8.95 -1.24
C GLU A 22 13.83 -10.46 -1.24
N GLU A 23 12.61 -10.99 -1.24
CA GLU A 23 12.42 -12.44 -1.13
C GLU A 23 12.03 -13.09 -2.44
N HIS A 24 11.64 -12.31 -3.45
CA HIS A 24 11.20 -12.84 -4.75
C HIS A 24 11.97 -12.13 -5.84
N PRO A 25 12.75 -12.86 -6.67
CA PRO A 25 13.53 -12.19 -7.70
C PRO A 25 12.62 -11.46 -8.67
N PHE A 26 13.15 -10.35 -9.22
CA PHE A 26 12.38 -9.51 -10.12
C PHE A 26 11.73 -10.31 -11.24
N GLU A 27 12.48 -11.22 -11.86
CA GLU A 27 11.89 -11.90 -13.01
C GLU A 27 10.71 -12.77 -12.61
N LYS A 28 10.74 -13.38 -11.41
CA LYS A 28 9.59 -14.16 -10.95
C LYS A 28 8.40 -13.24 -10.68
N ARG A 29 8.65 -12.08 -10.07
CA ARG A 29 7.54 -11.16 -9.80
C ARG A 29 6.91 -10.68 -11.11
N ARG A 30 7.75 -10.28 -12.07
CA ARG A 30 7.24 -9.76 -13.33
C ARG A 30 6.43 -10.82 -14.08
N SER A 31 6.94 -12.05 -14.15
CA SER A 31 6.18 -13.10 -14.81
CA SER A 31 6.19 -13.11 -14.81
C SER A 31 4.81 -13.24 -14.20
N GLU A 32 4.74 -13.20 -12.88
CA GLU A 32 3.47 -13.40 -12.18
C GLU A 32 2.56 -12.20 -12.38
N GLY A 33 3.10 -10.99 -12.24
CA GLY A 33 2.26 -9.82 -12.42
C GLY A 33 1.72 -9.74 -13.83
N GLU A 34 2.57 -10.02 -14.81
CA GLU A 34 2.13 -10.01 -16.20
C GLU A 34 1.00 -11.00 -16.42
N LYS A 35 1.18 -12.22 -15.92
CA LYS A 35 0.17 -13.27 -16.09
C LYS A 35 -1.15 -12.88 -15.44
N ILE A 36 -1.11 -12.39 -14.20
CA ILE A 36 -2.36 -12.14 -13.49
C ILE A 36 -3.08 -10.95 -14.10
N ARG A 37 -2.35 -9.99 -14.66
CA ARG A 37 -2.99 -8.86 -15.33
C ARG A 37 -3.62 -9.29 -16.65
N LYS A 38 -2.98 -10.24 -17.34
CA LYS A 38 -3.58 -10.75 -18.56
C LYS A 38 -4.85 -11.54 -18.25
N LYS A 39 -4.83 -12.33 -17.18
CA LYS A 39 -5.96 -13.21 -16.90
C LYS A 39 -7.14 -12.42 -16.34
N TYR A 40 -6.87 -11.43 -15.51
CA TYR A 40 -7.91 -10.70 -14.77
C TYR A 40 -7.72 -9.21 -15.03
N PRO A 41 -8.09 -8.74 -16.22
CA PRO A 41 -7.76 -7.37 -16.60
C PRO A 41 -8.56 -6.32 -15.86
N ASP A 42 -9.62 -6.70 -15.16
CA ASP A 42 -10.41 -5.76 -14.37
C ASP A 42 -10.00 -5.72 -12.93
N ARG A 43 -8.89 -6.38 -12.59
CA ARG A 43 -8.38 -6.44 -11.22
C ARG A 43 -6.92 -5.99 -11.26
N VAL A 44 -6.43 -5.50 -10.13
CA VAL A 44 -5.01 -5.13 -10.06
C VAL A 44 -4.33 -5.86 -8.90
N PRO A 45 -3.12 -6.36 -9.14
CA PRO A 45 -2.36 -7.05 -8.09
C PRO A 45 -1.60 -6.04 -7.23
N VAL A 46 -1.72 -6.18 -5.91
CA VAL A 46 -1.19 -5.21 -4.96
C VAL A 46 -0.41 -5.96 -3.88
N ILE A 47 0.76 -5.44 -3.54
CA ILE A 47 1.54 -5.92 -2.41
C ILE A 47 1.36 -4.90 -1.30
N VAL A 48 0.92 -5.33 -0.11
CA VAL A 48 0.68 -4.43 1.01
C VAL A 48 1.62 -4.83 2.13
N GLU A 49 2.46 -3.90 2.60
CA GLU A 49 3.37 -4.20 3.72
C GLU A 49 3.33 -3.08 4.74
N LYS A 50 3.62 -3.46 5.99
CA LYS A 50 3.69 -2.49 7.07
C LYS A 50 5.04 -1.81 7.07
N ALA A 51 5.03 -0.50 7.21
CA ALA A 51 6.26 0.24 7.44
C ALA A 51 6.95 -0.29 8.70
N PRO A 52 8.26 -0.53 8.66
CA PRO A 52 8.91 -1.18 9.81
C PRO A 52 8.73 -0.41 11.11
N LYS A 53 8.68 0.92 11.07
CA LYS A 53 8.57 1.68 12.32
C LYS A 53 7.16 1.69 12.89
N ALA A 54 6.16 1.23 12.15
CA ALA A 54 4.78 1.32 12.61
C ALA A 54 4.52 0.36 13.76
N ARG A 55 3.83 0.86 14.79
CA ARG A 55 3.54 0.07 15.98
C ARG A 55 2.15 -0.53 15.95
N ILE A 56 1.54 -0.64 14.77
CA ILE A 56 0.25 -1.32 14.66
C ILE A 56 0.46 -2.74 14.16
N GLY A 57 -0.62 -3.51 14.07
CA GLY A 57 -0.51 -4.92 13.75
C GLY A 57 -0.09 -5.17 12.33
N ASP A 58 0.52 -6.34 12.12
CA ASP A 58 0.97 -6.76 10.80
C ASP A 58 -0.16 -7.53 10.11
N LEU A 59 -0.10 -7.59 8.78
CA LEU A 59 -1.04 -8.40 8.02
C LEU A 59 -0.56 -9.84 7.90
N ASP A 60 -1.50 -10.77 7.89
CA ASP A 60 -1.15 -12.16 7.62
C ASP A 60 -0.81 -12.37 6.16
N LYS A 61 -1.53 -11.69 5.26
CA LYS A 61 -1.38 -11.84 3.83
C LYS A 61 -0.94 -10.51 3.25
N LYS A 62 -0.04 -10.58 2.27
CA LYS A 62 0.41 -9.33 1.64
C LYS A 62 0.03 -9.19 0.18
N LYS A 63 -0.42 -10.27 -0.51
CA LYS A 63 -0.71 -10.24 -1.93
CA LYS A 63 -0.71 -10.25 -1.94
C LYS A 63 -2.23 -10.19 -2.14
N TYR A 64 -2.71 -9.09 -2.71
CA TYR A 64 -4.14 -8.89 -2.91
C TYR A 64 -4.44 -8.67 -4.38
N LEU A 65 -5.60 -9.15 -4.81
CA LEU A 65 -6.12 -8.92 -6.17
C LEU A 65 -7.43 -8.17 -6.02
N VAL A 66 -7.44 -6.90 -6.40
CA VAL A 66 -8.56 -6.02 -6.04
C VAL A 66 -9.22 -5.45 -7.29
N PRO A 67 -10.52 -5.14 -7.24
CA PRO A 67 -11.17 -4.57 -8.43
C PRO A 67 -10.57 -3.23 -8.79
N SER A 68 -10.39 -2.98 -10.08
CA SER A 68 -9.80 -1.71 -10.49
CA SER A 68 -9.79 -1.71 -10.48
C SER A 68 -10.67 -0.53 -10.08
N ASP A 69 -11.99 -0.71 -10.01
CA ASP A 69 -12.83 0.43 -9.66
C ASP A 69 -13.05 0.58 -8.16
N LEU A 70 -12.42 -0.25 -7.33
CA LEU A 70 -12.47 -0.07 -5.87
C LEU A 70 -11.68 1.18 -5.49
N THR A 71 -12.20 1.97 -4.53
CA THR A 71 -11.40 3.12 -4.12
C THR A 71 -10.39 2.75 -3.06
N VAL A 72 -9.39 3.63 -2.93
CA VAL A 72 -8.46 3.62 -1.80
C VAL A 72 -9.20 3.55 -0.48
N GLY A 73 -10.28 4.33 -0.35
CA GLY A 73 -10.98 4.38 0.91
C GLY A 73 -11.66 3.06 1.22
N GLN A 74 -12.22 2.40 0.21
CA GLN A 74 -12.79 1.06 0.44
C GLN A 74 -11.70 0.08 0.83
N PHE A 75 -10.56 0.15 0.13
CA PHE A 75 -9.43 -0.71 0.46
C PHE A 75 -8.95 -0.49 1.88
N TYR A 76 -8.88 0.78 2.32
N TYR A 76 -8.87 0.78 2.32
CA TYR A 76 -8.52 1.11 3.69
CA TYR A 76 -8.51 1.10 3.70
C TYR A 76 -9.33 0.31 4.68
C TYR A 76 -9.34 0.29 4.68
N PHE A 77 -10.66 0.29 4.50
CA PHE A 77 -11.51 -0.39 5.48
CA PHE A 77 -11.52 -0.39 5.45
C PHE A 77 -11.28 -1.89 5.43
N LEU A 78 -11.10 -2.45 4.23
CA LEU A 78 -10.84 -3.89 4.14
C LEU A 78 -9.54 -4.25 4.84
N ILE A 79 -8.52 -3.42 4.69
CA ILE A 79 -7.25 -3.74 5.34
C ILE A 79 -7.32 -3.49 6.84
N ARG A 80 -7.99 -2.38 7.25
CA ARG A 80 -8.10 -2.07 8.67
C ARG A 80 -8.75 -3.21 9.45
N LYS A 81 -9.82 -3.78 8.90
CA LYS A 81 -10.47 -4.92 9.55
C LYS A 81 -9.52 -6.10 9.70
N ARG A 82 -8.56 -6.24 8.80
CA ARG A 82 -7.69 -7.40 8.87
C ARG A 82 -6.61 -7.28 9.92
N ILE A 83 -6.36 -6.07 10.44
CA ILE A 83 -5.35 -5.92 11.47
C ILE A 83 -5.94 -5.51 12.81
N HIS A 84 -7.27 -5.39 12.90
CA HIS A 84 -7.96 -5.21 14.19
C HIS A 84 -7.47 -3.94 14.89
N LEU A 85 -7.56 -2.83 14.17
CA LEU A 85 -7.07 -1.58 14.71
C LEU A 85 -7.97 -1.11 15.84
N ARG A 86 -7.35 -0.69 16.96
CA ARG A 86 -8.09 0.03 17.98
C ARG A 86 -8.82 1.20 17.33
N ALA A 87 -10.00 1.51 17.86
CA ALA A 87 -10.89 2.46 17.19
C ALA A 87 -10.18 3.78 16.89
N GLU A 88 -9.35 4.25 17.82
CA GLU A 88 -8.72 5.56 17.71
C GLU A 88 -7.39 5.52 16.96
N ASP A 89 -6.95 4.35 16.50
CA ASP A 89 -5.68 4.25 15.79
C ASP A 89 -5.82 4.70 14.34
N ALA A 90 -4.83 5.45 13.90
CA ALA A 90 -4.75 5.91 12.52
C ALA A 90 -4.16 4.84 11.62
N LEU A 91 -4.51 4.91 10.34
CA LEU A 91 -3.94 4.02 9.32
C LEU A 91 -3.77 4.86 8.07
N PHE A 92 -2.54 4.90 7.52
CA PHE A 92 -2.27 5.66 6.29
C PHE A 92 -1.63 4.74 5.27
N PHE A 93 -1.99 4.92 3.99
CA PHE A 93 -1.35 4.22 2.89
C PHE A 93 -0.36 5.13 2.18
N PHE A 94 0.77 4.56 1.75
CA PHE A 94 1.77 5.31 1.00
C PHE A 94 2.11 4.56 -0.28
N VAL A 95 2.08 5.27 -1.40
CA VAL A 95 2.53 4.73 -2.68
C VAL A 95 3.67 5.62 -3.11
N ASN A 96 4.85 5.03 -3.27
CA ASN A 96 6.04 5.82 -3.58
C ASN A 96 6.17 7.00 -2.62
N ASN A 97 5.90 6.74 -1.35
CA ASN A 97 6.10 7.66 -0.23
CA ASN A 97 6.10 7.65 -0.23
C ASN A 97 5.07 8.78 -0.19
N VAL A 98 3.99 8.66 -0.95
CA VAL A 98 2.96 9.70 -1.01
C VAL A 98 1.60 9.08 -0.69
N ILE A 99 0.83 9.76 0.15
CA ILE A 99 -0.51 9.29 0.54
C ILE A 99 -1.50 9.63 -0.57
N PRO A 100 -2.20 8.65 -1.12
CA PRO A 100 -3.12 8.91 -2.23
C PRO A 100 -4.45 9.47 -1.74
N PRO A 101 -5.19 10.15 -2.59
CA PRO A 101 -6.56 10.55 -2.24
C PRO A 101 -7.42 9.33 -1.95
N THR A 102 -8.27 9.41 -0.92
CA THR A 102 -9.08 8.23 -0.60
C THR A 102 -10.14 7.92 -1.66
N SER A 103 -10.54 8.89 -2.49
CA SER A 103 -11.47 8.60 -3.57
C SER A 103 -10.80 8.12 -4.85
N ALA A 104 -9.46 8.08 -4.90
CA ALA A 104 -8.83 7.52 -6.09
C ALA A 104 -9.15 6.04 -6.17
N THR A 105 -9.28 5.51 -7.39
CA THR A 105 -9.51 4.08 -7.51
C THR A 105 -8.19 3.33 -7.55
N MET A 106 -8.26 2.04 -7.20
CA MET A 106 -7.06 1.22 -7.23
C MET A 106 -6.52 1.08 -8.65
N GLY A 107 -7.41 1.08 -9.64
CA GLY A 107 -6.96 1.04 -11.02
C GLY A 107 -6.20 2.30 -11.40
N GLN A 108 -6.67 3.47 -10.93
CA GLN A 108 -5.98 4.72 -11.23
C GLN A 108 -4.59 4.73 -10.60
N LEU A 109 -4.49 4.32 -9.34
CA LEU A 109 -3.18 4.23 -8.70
C LEU A 109 -2.29 3.25 -9.41
N TYR A 110 -2.83 2.11 -9.80
CA TYR A 110 -2.04 1.11 -10.49
C TYR A 110 -1.52 1.66 -11.82
N GLN A 111 -2.38 2.30 -12.60
CA GLN A 111 -1.93 2.80 -13.90
C GLN A 111 -0.78 3.77 -13.74
N GLU A 112 -0.81 4.58 -12.68
CA GLU A 112 0.18 5.63 -12.52
C GLU A 112 1.45 5.13 -11.84
N HIS A 113 1.33 4.14 -10.92
CA HIS A 113 2.44 3.81 -10.03
C HIS A 113 2.90 2.37 -10.05
N HIS A 114 2.31 1.49 -10.85
CA HIS A 114 2.78 0.11 -10.80
C HIS A 114 4.25 0.07 -11.20
N GLU A 115 4.97 -0.91 -10.66
CA GLU A 115 6.38 -1.07 -10.91
C GLU A 115 6.56 -1.94 -12.14
N GLU A 116 7.82 -2.14 -12.55
CA GLU A 116 8.08 -2.90 -13.78
C GLU A 116 7.75 -4.39 -13.65
N ASP A 117 7.52 -4.89 -12.44
CA ASP A 117 7.03 -6.25 -12.27
C ASP A 117 5.50 -6.35 -12.34
N PHE A 118 4.83 -5.25 -12.70
CA PHE A 118 3.37 -5.17 -12.85
C PHE A 118 2.61 -5.30 -11.54
N PHE A 119 3.28 -5.13 -10.39
CA PHE A 119 2.60 -5.01 -9.11
C PHE A 119 2.51 -3.54 -8.69
N LEU A 120 1.47 -3.21 -7.92
CA LEU A 120 1.36 -1.95 -7.21
C LEU A 120 1.78 -2.22 -5.77
N TYR A 121 2.66 -1.37 -5.23
CA TYR A 121 3.20 -1.55 -3.88
C TYR A 121 2.63 -0.46 -2.97
N ILE A 122 1.99 -0.89 -1.88
CA ILE A 122 1.44 0.04 -0.89
C ILE A 122 2.04 -0.28 0.46
N ALA A 123 2.59 0.74 1.11
CA ALA A 123 3.02 0.63 2.50
C ALA A 123 1.97 1.24 3.40
N TYR A 124 1.82 0.70 4.61
CA TYR A 124 0.91 1.32 5.55
C TYR A 124 1.62 1.61 6.86
N SER A 125 1.16 2.67 7.54
CA SER A 125 1.73 3.06 8.80
C SER A 125 0.66 3.69 9.66
N ASP A 126 1.04 3.93 10.91
CA ASP A 126 0.15 4.56 11.89
C ASP A 126 0.42 6.04 12.04
N GLU A 127 1.31 6.61 11.25
CA GLU A 127 1.62 8.02 11.27
C GLU A 127 2.21 8.41 9.93
C1 EDO B . -10.38 11.63 -1.47
O1 EDO B . -10.03 12.63 -2.39
C2 EDO B . -11.82 11.59 -1.07
O2 EDO B . -11.85 11.73 0.35
C1 EDO C . 2.98 14.94 -2.98
O1 EDO C . 3.74 15.34 -1.82
C2 EDO C . 1.56 15.52 -2.93
O2 EDO C . 0.64 14.61 -2.31
#